data_7ERI
#
_entry.id   7ERI
#
_cell.length_a   42.993
_cell.length_b   85.226
_cell.length_c   63.727
_cell.angle_alpha   90.00
_cell.angle_beta   90.00
_cell.angle_gamma   90.00
#
_symmetry.space_group_name_H-M   'P 21 21 2'
#
loop_
_entity.id
_entity.type
_entity.pdbx_description
1 polymer Transthyretin
2 non-polymer 6-[2,3-bis(chloranyl)phenoxy]-5-chloranyl-2-methylsulfanyl-1H-benzimidazole
3 water water
#
_entity_poly.entity_id   1
_entity_poly.type   'polypeptide(L)'
_entity_poly.pdbx_seq_one_letter_code
;MRGSHHHHHHGSMASHRLLLLCLAGLVFVSEAGPTGTGESKCPLMVKVLDAVRGSPAINVAMHVFRKAADDTWEPFASGK
TSESGELHGLTTEEEFVEGIYKVEIDTKSYWKALGISPFHEHAEVVFTANDSGPRRYTIAALLSPYSYSTTAVVTNPKE
;
_entity_poly.pdbx_strand_id   A,B
#
# COMPACT_ATOMS: atom_id res chain seq x y z
N CYS A 42 -14.00 17.54 -9.76
CA CYS A 42 -13.59 16.62 -8.71
C CYS A 42 -12.16 16.17 -8.95
N PRO A 43 -11.21 16.71 -8.16
CA PRO A 43 -9.80 16.43 -8.40
C PRO A 43 -9.26 15.16 -7.75
N LEU A 44 -9.99 14.52 -6.86
CA LEU A 44 -9.50 13.31 -6.20
C LEU A 44 -10.68 12.40 -5.97
N MET A 45 -10.72 11.26 -6.65
CA MET A 45 -11.79 10.29 -6.52
C MET A 45 -11.19 8.91 -6.38
N VAL A 46 -11.93 8.01 -5.72
CA VAL A 46 -11.44 6.66 -5.47
C VAL A 46 -12.54 5.68 -5.87
N LYS A 47 -12.16 4.62 -6.58
CA LYS A 47 -13.10 3.56 -6.98
C LYS A 47 -12.53 2.25 -6.49
N VAL A 48 -13.38 1.42 -5.88
CA VAL A 48 -12.94 0.18 -5.27
C VAL A 48 -13.84 -0.95 -5.73
N LEU A 49 -13.23 -2.05 -6.17
CA LEU A 49 -13.98 -3.25 -6.58
C LEU A 49 -13.61 -4.40 -5.66
N ASP A 50 -14.55 -5.34 -5.52
CA ASP A 50 -14.38 -6.55 -4.72
C ASP A 50 -14.19 -7.73 -5.68
N ALA A 51 -13.03 -8.39 -5.61
CA ALA A 51 -12.69 -9.49 -6.51
C ALA A 51 -13.28 -10.84 -6.07
N VAL A 52 -13.82 -10.92 -4.86
CA VAL A 52 -14.47 -12.14 -4.38
C VAL A 52 -15.93 -12.17 -4.78
N ARG A 53 -16.63 -11.04 -4.65
CA ARG A 53 -18.04 -10.99 -4.98
C ARG A 53 -18.35 -10.53 -6.40
N GLY A 54 -17.36 -9.98 -7.11
CA GLY A 54 -17.62 -9.45 -8.44
C GLY A 54 -18.57 -8.28 -8.41
N SER A 55 -18.26 -7.30 -7.56
CA SER A 55 -19.15 -6.19 -7.32
C SER A 55 -18.30 -4.98 -6.93
N PRO A 56 -18.86 -3.79 -7.00
CA PRO A 56 -18.23 -2.65 -6.31
C PRO A 56 -18.03 -3.01 -4.85
N ALA A 57 -17.02 -2.40 -4.24
CA ALA A 57 -16.79 -2.54 -2.80
C ALA A 57 -17.51 -1.37 -2.13
N ILE A 58 -18.63 -1.65 -1.48
CA ILE A 58 -19.53 -0.63 -0.94
C ILE A 58 -19.19 -0.41 0.52
N ASN A 59 -19.31 0.84 0.97
CA ASN A 59 -19.12 1.18 2.38
C ASN A 59 -17.67 0.96 2.85
N VAL A 60 -16.71 1.14 1.95
CA VAL A 60 -15.31 1.08 2.33
C VAL A 60 -14.94 2.46 2.86
N ALA A 61 -14.49 2.52 4.11
CA ALA A 61 -14.04 3.78 4.68
C ALA A 61 -12.62 4.09 4.19
N MET A 62 -12.34 5.37 4.02
CA MET A 62 -10.97 5.76 3.75
C MET A 62 -10.66 7.12 4.35
N HIS A 63 -9.41 7.27 4.76
CA HIS A 63 -8.89 8.52 5.29
C HIS A 63 -7.74 9.00 4.41
N VAL A 64 -7.77 10.28 4.07
CA VAL A 64 -6.73 10.91 3.28
C VAL A 64 -5.94 11.82 4.20
N PHE A 65 -4.60 11.75 4.11
CA PHE A 65 -3.72 12.59 4.91
C PHE A 65 -2.78 13.32 3.97
N ARG A 66 -2.30 14.47 4.43
CA ARG A 66 -1.30 15.26 3.70
C ARG A 66 -0.10 15.51 4.59
N LYS A 67 1.10 15.39 4.02
CA LYS A 67 2.30 15.52 4.83
C LYS A 67 2.52 17.01 5.17
N ALA A 68 2.63 17.30 6.46
CA ALA A 68 2.82 18.68 6.89
C ALA A 68 4.30 19.03 6.88
N ALA A 69 4.58 20.33 7.08
CA ALA A 69 5.95 20.82 6.97
C ALA A 69 6.88 20.15 7.98
N ASP A 70 6.34 19.75 9.13
CA ASP A 70 7.14 19.04 10.12
C ASP A 70 7.24 17.54 9.84
N ASP A 71 6.79 17.10 8.65
CA ASP A 71 6.85 15.70 8.20
C ASP A 71 5.90 14.76 8.93
N THR A 72 4.85 15.28 9.57
CA THR A 72 3.80 14.44 10.12
C THR A 72 2.63 14.39 9.13
N TRP A 73 1.77 13.37 9.31
CA TRP A 73 0.61 13.20 8.44
C TRP A 73 -0.57 13.95 9.03
N GLU A 74 -1.02 15.00 8.33
CA GLU A 74 -2.16 15.69 8.90
C GLU A 74 -3.45 15.23 8.23
N PRO A 75 -4.54 15.06 8.98
CA PRO A 75 -5.81 14.62 8.36
C PRO A 75 -6.25 15.62 7.31
N PHE A 76 -6.65 15.10 6.14
CA PHE A 76 -7.02 15.95 5.01
C PHE A 76 -8.47 15.81 4.60
N ALA A 77 -8.95 14.58 4.44
CA ALA A 77 -10.35 14.32 4.09
C ALA A 77 -10.65 12.87 4.42
N SER A 78 -11.94 12.55 4.53
CA SER A 78 -12.32 11.15 4.72
C SER A 78 -13.72 10.95 4.16
N GLY A 79 -14.07 9.68 3.94
CA GLY A 79 -15.36 9.35 3.38
C GLY A 79 -15.50 7.84 3.24
N LYS A 80 -16.61 7.42 2.63
CA LYS A 80 -16.81 6.01 2.37
C LYS A 80 -17.40 5.81 0.98
N THR A 81 -17.08 4.67 0.36
CA THR A 81 -17.56 4.43 -0.99
C THR A 81 -19.08 4.20 -0.99
N SER A 82 -19.70 4.62 -2.08
CA SER A 82 -21.15 4.53 -2.25
C SER A 82 -21.51 3.13 -2.76
N GLU A 83 -22.78 2.96 -3.15
CA GLU A 83 -23.23 1.70 -3.73
C GLU A 83 -22.51 1.38 -5.03
N SER A 84 -21.95 2.37 -5.70
CA SER A 84 -21.19 2.15 -6.93
C SER A 84 -19.71 1.89 -6.66
N GLY A 85 -19.31 1.82 -5.40
CA GLY A 85 -17.91 1.65 -5.07
C GLY A 85 -17.07 2.89 -5.24
N GLU A 86 -17.71 4.05 -5.40
CA GLU A 86 -17.01 5.31 -5.66
C GLU A 86 -17.10 6.24 -4.46
N LEU A 87 -16.06 7.02 -4.27
CA LEU A 87 -16.03 8.09 -3.27
C LEU A 87 -15.69 9.35 -4.03
N HIS A 88 -16.65 10.27 -4.13
CA HIS A 88 -16.46 11.58 -4.72
C HIS A 88 -16.52 12.66 -3.63
N GLY A 89 -16.15 13.87 -4.02
CA GLY A 89 -16.30 15.02 -3.15
C GLY A 89 -15.35 15.11 -1.98
N LEU A 90 -14.20 14.43 -2.06
CA LEU A 90 -13.25 14.49 -0.95
C LEU A 90 -12.72 15.91 -0.74
N THR A 91 -12.40 16.61 -1.82
CA THR A 91 -11.75 17.90 -1.69
C THR A 91 -12.15 18.79 -2.86
N THR A 92 -11.52 19.96 -2.95
CA THR A 92 -11.81 20.94 -3.99
C THR A 92 -10.49 21.31 -4.66
N GLU A 93 -10.60 21.97 -5.83
CA GLU A 93 -9.39 22.39 -6.54
C GLU A 93 -8.56 23.36 -5.71
N GLU A 94 -9.22 24.27 -4.97
CA GLU A 94 -8.50 25.25 -4.16
C GLU A 94 -7.77 24.58 -3.01
N GLU A 95 -8.42 23.63 -2.35
CA GLU A 95 -7.88 23.03 -1.15
C GLU A 95 -6.80 21.99 -1.46
N PHE A 96 -6.88 21.37 -2.63
CA PHE A 96 -6.00 20.26 -3.03
C PHE A 96 -4.70 20.82 -3.63
N VAL A 97 -3.90 21.42 -2.76
CA VAL A 97 -2.64 22.05 -3.16
C VAL A 97 -1.56 21.00 -3.36
N GLU A 98 -0.39 21.43 -3.87
CA GLU A 98 0.77 20.55 -3.94
C GLU A 98 1.05 19.92 -2.60
N GLY A 99 1.47 18.66 -2.62
CA GLY A 99 1.91 18.03 -1.40
C GLY A 99 2.06 16.54 -1.63
N ILE A 100 2.43 15.87 -0.56
CA ILE A 100 2.44 14.40 -0.53
C ILE A 100 1.20 13.97 0.23
N TYR A 101 0.38 13.13 -0.42
CA TYR A 101 -0.88 12.67 0.12
C TYR A 101 -0.82 11.17 0.33
N LYS A 102 -1.54 10.70 1.34
CA LYS A 102 -1.69 9.29 1.64
C LYS A 102 -3.17 8.98 1.74
N VAL A 103 -3.63 8.04 0.93
CA VAL A 103 -4.99 7.52 0.98
C VAL A 103 -4.91 6.19 1.72
N GLU A 104 -5.51 6.11 2.91
CA GLU A 104 -5.58 4.86 3.67
C GLU A 104 -6.95 4.25 3.47
N ILE A 105 -7.01 3.11 2.78
CA ILE A 105 -8.28 2.45 2.49
C ILE A 105 -8.48 1.35 3.53
N ASP A 106 -9.58 1.43 4.28
CA ASP A 106 -9.75 0.55 5.45
C ASP A 106 -10.29 -0.81 5.00
N THR A 107 -9.41 -1.56 4.34
CA THR A 107 -9.80 -2.86 3.78
C THR A 107 -10.08 -3.88 4.87
N LYS A 108 -9.37 -3.82 6.00
CA LYS A 108 -9.67 -4.78 7.07
C LYS A 108 -11.11 -4.64 7.55
N SER A 109 -11.54 -3.41 7.87
CA SER A 109 -12.92 -3.21 8.33
C SER A 109 -13.93 -3.67 7.30
N TYR A 110 -13.61 -3.48 6.01
CA TYR A 110 -14.50 -3.93 4.95
C TYR A 110 -14.69 -5.45 4.98
N TRP A 111 -13.58 -6.20 5.01
CA TRP A 111 -13.68 -7.66 5.02
C TRP A 111 -14.30 -8.16 6.32
N LYS A 112 -13.90 -7.58 7.47
CA LYS A 112 -14.46 -8.02 8.74
C LYS A 112 -15.97 -7.82 8.78
N ALA A 113 -16.44 -6.66 8.31
CA ALA A 113 -17.88 -6.41 8.25
C ALA A 113 -18.60 -7.47 7.43
N LEU A 114 -17.90 -8.14 6.52
CA LEU A 114 -18.44 -9.25 5.75
C LEU A 114 -18.09 -10.60 6.35
N GLY A 115 -17.57 -10.63 7.58
CA GLY A 115 -17.26 -11.90 8.23
C GLY A 115 -16.05 -12.62 7.71
N ILE A 116 -15.14 -11.92 7.03
CA ILE A 116 -13.92 -12.51 6.48
C ILE A 116 -12.74 -11.92 7.23
N SER A 117 -11.72 -12.76 7.51
CA SER A 117 -10.50 -12.31 8.19
C SER A 117 -9.40 -12.09 7.16
N PRO A 118 -9.08 -10.84 6.80
CA PRO A 118 -8.12 -10.60 5.73
C PRO A 118 -6.70 -10.47 6.25
N PHE A 119 -5.76 -10.34 5.30
CA PHE A 119 -4.36 -10.23 5.65
C PHE A 119 -3.96 -8.81 6.03
N HIS A 120 -4.34 -7.83 5.21
CA HIS A 120 -3.81 -6.48 5.33
C HIS A 120 -4.58 -5.68 6.37
N GLU A 121 -3.87 -4.75 7.03
CA GLU A 121 -4.58 -3.82 7.90
C GLU A 121 -5.38 -2.81 7.09
N HIS A 122 -4.75 -2.28 6.06
CA HIS A 122 -5.37 -1.34 5.14
C HIS A 122 -4.49 -1.30 3.91
N ALA A 123 -4.99 -0.66 2.87
CA ALA A 123 -4.21 -0.40 1.67
C ALA A 123 -3.81 1.06 1.71
N GLU A 124 -2.56 1.35 1.37
CA GLU A 124 -2.03 2.70 1.39
C GLU A 124 -1.64 3.10 -0.03
N VAL A 125 -1.99 4.34 -0.39
CA VAL A 125 -1.59 4.92 -1.66
C VAL A 125 -0.94 6.26 -1.34
N VAL A 126 0.36 6.35 -1.50
CA VAL A 126 1.12 7.55 -1.14
C VAL A 126 1.71 8.15 -2.41
N PHE A 127 1.44 9.44 -2.65
CA PHE A 127 1.87 10.05 -3.90
C PHE A 127 2.00 11.56 -3.74
N THR A 128 2.94 12.13 -4.50
CA THR A 128 3.03 13.58 -4.65
C THR A 128 1.97 14.03 -5.65
N ALA A 129 1.18 15.05 -5.30
CA ALA A 129 0.14 15.53 -6.18
C ALA A 129 0.41 16.96 -6.61
N ASN A 130 0.05 17.28 -7.86
CA ASN A 130 0.02 18.64 -8.40
C ASN A 130 1.39 19.29 -8.51
N ASP A 131 2.44 18.47 -8.61
CA ASP A 131 3.81 18.98 -8.69
C ASP A 131 4.03 19.83 -9.95
N SER A 132 3.29 19.56 -11.03
CA SER A 132 3.43 20.33 -12.27
C SER A 132 2.17 21.15 -12.56
N GLY A 133 1.44 21.56 -11.53
CA GLY A 133 0.16 22.19 -11.70
C GLY A 133 -0.98 21.24 -11.39
N PRO A 134 -2.20 21.76 -11.36
CA PRO A 134 -3.36 20.95 -10.95
C PRO A 134 -3.59 19.78 -11.90
N ARG A 135 -3.88 18.61 -11.31
CA ARG A 135 -4.31 17.43 -12.06
C ARG A 135 -5.52 16.84 -11.35
N ARG A 136 -6.22 15.95 -12.04
CA ARG A 136 -7.32 15.19 -11.45
C ARG A 136 -6.85 13.76 -11.30
N TYR A 137 -7.02 13.20 -10.10
CA TYR A 137 -6.53 11.87 -9.80
C TYR A 137 -7.72 10.96 -9.54
N THR A 138 -7.71 9.79 -10.17
CA THR A 138 -8.59 8.70 -9.78
C THR A 138 -7.70 7.58 -9.26
N ILE A 139 -7.96 7.13 -8.04
CA ILE A 139 -7.25 5.98 -7.48
C ILE A 139 -8.23 4.81 -7.57
N ALA A 140 -7.81 3.75 -8.25
CA ALA A 140 -8.63 2.56 -8.40
C ALA A 140 -7.99 1.43 -7.61
N ALA A 141 -8.82 0.64 -6.91
CA ALA A 141 -8.33 -0.46 -6.09
C ALA A 141 -9.18 -1.69 -6.30
N LEU A 142 -8.53 -2.86 -6.32
CA LEU A 142 -9.22 -4.13 -6.45
C LEU A 142 -8.83 -4.96 -5.23
N LEU A 143 -9.81 -5.46 -4.48
CA LEU A 143 -9.58 -6.07 -3.18
C LEU A 143 -9.91 -7.56 -3.18
N SER A 144 -8.98 -8.35 -2.63
CA SER A 144 -9.16 -9.73 -2.24
C SER A 144 -8.67 -9.86 -0.81
N PRO A 145 -9.06 -10.92 -0.10
CA PRO A 145 -8.66 -11.01 1.32
C PRO A 145 -7.15 -11.01 1.54
N TYR A 146 -6.37 -11.62 0.66
CA TYR A 146 -4.92 -11.65 0.83
C TYR A 146 -4.17 -10.88 -0.24
N SER A 147 -4.86 -10.03 -0.99
CA SER A 147 -4.18 -9.34 -2.08
C SER A 147 -4.93 -8.06 -2.39
N TYR A 148 -4.20 -7.07 -2.91
CA TYR A 148 -4.88 -5.95 -3.51
C TYR A 148 -4.00 -5.33 -4.58
N SER A 149 -4.66 -4.66 -5.51
CA SER A 149 -3.99 -3.91 -6.55
C SER A 149 -4.54 -2.50 -6.54
N THR A 150 -3.67 -1.55 -6.87
CA THR A 150 -4.11 -0.17 -6.97
C THR A 150 -3.45 0.43 -8.19
N THR A 151 -4.18 1.31 -8.88
CA THR A 151 -3.60 2.06 -9.98
C THR A 151 -4.13 3.49 -9.92
N ALA A 152 -3.47 4.37 -10.64
CA ALA A 152 -3.84 5.78 -10.62
C ALA A 152 -4.07 6.23 -12.05
N VAL A 153 -5.13 7.03 -12.24
CA VAL A 153 -5.40 7.68 -13.52
C VAL A 153 -5.24 9.18 -13.28
N VAL A 154 -4.33 9.79 -14.02
CA VAL A 154 -3.97 11.20 -13.84
C VAL A 154 -4.32 11.91 -15.13
N THR A 155 -5.23 12.89 -15.05
CA THR A 155 -5.66 13.62 -16.24
C THR A 155 -5.43 15.11 -16.06
N ASN A 156 -5.25 15.80 -17.19
CA ASN A 156 -5.06 17.24 -17.25
C ASN A 156 -5.97 17.83 -18.33
N CYS B 42 13.17 -18.96 7.90
CA CYS B 42 12.92 -17.61 7.39
C CYS B 42 11.42 -17.30 7.46
N PRO B 43 10.99 -16.62 8.53
CA PRO B 43 9.55 -16.38 8.70
C PRO B 43 8.99 -15.23 7.88
N LEU B 44 9.83 -14.41 7.25
CA LEU B 44 9.35 -13.24 6.51
C LEU B 44 10.26 -13.00 5.32
N MET B 45 9.73 -13.16 4.11
CA MET B 45 10.48 -12.90 2.88
CA MET B 45 10.49 -12.87 2.90
C MET B 45 9.64 -12.01 1.97
N VAL B 46 10.32 -11.18 1.18
CA VAL B 46 9.66 -10.26 0.28
C VAL B 46 10.23 -10.49 -1.11
N LYS B 47 9.35 -10.50 -2.12
CA LYS B 47 9.77 -10.68 -3.50
C LYS B 47 9.11 -9.58 -4.32
N VAL B 48 9.92 -8.92 -5.16
CA VAL B 48 9.48 -7.76 -5.92
C VAL B 48 9.75 -8.02 -7.40
N LEU B 49 8.73 -7.76 -8.23
CA LEU B 49 8.81 -8.00 -9.65
C LEU B 49 8.52 -6.71 -10.39
N ASP B 50 9.07 -6.61 -11.59
CA ASP B 50 8.93 -5.44 -12.45
C ASP B 50 8.04 -5.85 -13.63
N ALA B 51 6.87 -5.21 -13.72
CA ALA B 51 5.87 -5.53 -14.74
C ALA B 51 6.10 -4.82 -16.06
N VAL B 52 7.04 -3.87 -16.11
CA VAL B 52 7.42 -3.20 -17.36
C VAL B 52 8.46 -4.00 -18.12
N ARG B 53 9.44 -4.55 -17.41
CA ARG B 53 10.53 -5.29 -18.03
C ARG B 53 10.35 -6.80 -17.94
N GLY B 54 9.39 -7.27 -17.16
CA GLY B 54 9.23 -8.71 -16.98
C GLY B 54 10.45 -9.33 -16.32
N SER B 55 10.84 -8.79 -15.18
CA SER B 55 12.07 -9.22 -14.54
C SER B 55 11.91 -9.05 -13.04
N PRO B 56 12.75 -9.71 -12.24
CA PRO B 56 12.84 -9.33 -10.82
C PRO B 56 13.23 -7.88 -10.71
N ALA B 57 12.73 -7.22 -9.66
CA ALA B 57 13.11 -5.85 -9.34
C ALA B 57 14.31 -5.91 -8.42
N ILE B 58 15.48 -5.57 -8.94
CA ILE B 58 16.74 -5.76 -8.21
C ILE B 58 17.13 -4.47 -7.50
N ASN B 59 17.81 -4.63 -6.36
CA ASN B 59 18.35 -3.49 -5.62
C ASN B 59 17.26 -2.56 -5.11
N VAL B 60 16.09 -3.11 -4.83
CA VAL B 60 14.98 -2.34 -4.28
C VAL B 60 15.13 -2.32 -2.78
N ALA B 61 15.29 -1.14 -2.20
CA ALA B 61 15.43 -1.00 -0.77
C ALA B 61 14.06 -1.01 -0.11
N MET B 62 13.99 -1.57 1.09
CA MET B 62 12.76 -1.51 1.86
C MET B 62 13.10 -1.53 3.34
N HIS B 63 12.20 -0.96 4.14
CA HIS B 63 12.27 -1.02 5.59
C HIS B 63 11.02 -1.70 6.12
N VAL B 64 11.19 -2.48 7.19
CA VAL B 64 10.08 -3.09 7.91
C VAL B 64 9.98 -2.42 9.26
N PHE B 65 8.77 -2.01 9.64
CA PHE B 65 8.50 -1.41 10.92
C PHE B 65 7.52 -2.26 11.70
N ARG B 66 7.61 -2.20 13.03
CA ARG B 66 6.62 -2.81 13.91
C ARG B 66 5.90 -1.72 14.67
N LYS B 67 4.58 -1.86 14.83
CA LYS B 67 3.82 -0.82 15.48
C LYS B 67 4.01 -0.92 16.99
N ALA B 68 4.31 0.20 17.63
CA ALA B 68 4.52 0.26 19.07
C ALA B 68 3.23 0.66 19.78
N ALA B 69 3.24 0.48 21.10
CA ALA B 69 2.02 0.68 21.90
C ALA B 69 1.47 2.08 21.77
N ASP B 70 2.32 3.07 21.49
CA ASP B 70 1.90 4.45 21.28
C ASP B 70 1.53 4.75 19.83
N ASP B 71 1.36 3.71 19.02
CA ASP B 71 0.97 3.82 17.61
C ASP B 71 2.01 4.46 16.70
N THR B 72 3.26 4.57 17.15
CA THR B 72 4.33 4.95 16.23
C THR B 72 4.91 3.69 15.57
N TRP B 73 5.70 3.91 14.53
CA TRP B 73 6.31 2.85 13.75
C TRP B 73 7.79 2.79 14.11
N GLU B 74 8.20 1.69 14.72
CA GLU B 74 9.62 1.64 15.04
C GLU B 74 10.36 0.71 14.10
N PRO B 75 11.59 1.07 13.74
CA PRO B 75 12.38 0.24 12.81
C PRO B 75 12.51 -1.17 13.34
N PHE B 76 12.41 -2.13 12.42
CA PHE B 76 12.47 -3.54 12.80
C PHE B 76 13.51 -4.28 11.98
N ALA B 77 13.53 -4.04 10.66
CA ALA B 77 14.47 -4.69 9.75
C ALA B 77 14.48 -3.93 8.43
N SER B 78 15.51 -4.15 7.63
CA SER B 78 15.58 -3.54 6.29
C SER B 78 16.60 -4.28 5.44
N GLY B 79 16.59 -3.96 4.14
CA GLY B 79 17.50 -4.57 3.21
C GLY B 79 17.18 -4.12 1.80
N LYS B 80 17.87 -4.74 0.84
CA LYS B 80 17.64 -4.47 -0.58
C LYS B 80 17.43 -5.81 -1.28
N THR B 81 16.53 -5.86 -2.26
CA THR B 81 16.29 -7.11 -2.96
C THR B 81 17.52 -7.55 -3.75
N SER B 82 17.65 -8.87 -3.89
CA SER B 82 18.81 -9.48 -4.53
C SER B 82 18.62 -9.47 -6.05
N GLU B 83 19.51 -10.15 -6.77
CA GLU B 83 19.32 -10.27 -8.22
C GLU B 83 18.09 -11.10 -8.59
N SER B 84 17.58 -11.91 -7.68
CA SER B 84 16.33 -12.64 -7.93
C SER B 84 15.11 -11.86 -7.48
N GLY B 85 15.30 -10.60 -7.10
CA GLY B 85 14.21 -9.79 -6.63
C GLY B 85 13.73 -10.13 -5.24
N GLU B 86 14.52 -10.89 -4.47
CA GLU B 86 14.09 -11.37 -3.18
C GLU B 86 14.94 -10.76 -2.07
N LEU B 87 14.33 -10.62 -0.90
CA LEU B 87 15.01 -10.15 0.30
C LEU B 87 14.70 -11.15 1.40
N HIS B 88 15.72 -11.92 1.78
CA HIS B 88 15.65 -12.92 2.84
C HIS B 88 16.37 -12.42 4.09
N GLY B 89 16.24 -13.19 5.17
CA GLY B 89 16.99 -12.92 6.39
C GLY B 89 16.59 -11.66 7.12
N LEU B 90 15.35 -11.20 6.96
CA LEU B 90 14.94 -9.95 7.60
C LEU B 90 14.84 -10.12 9.12
N THR B 91 14.36 -11.27 9.59
CA THR B 91 14.13 -11.46 11.01
C THR B 91 14.24 -12.95 11.31
N THR B 92 14.02 -13.30 12.58
CA THR B 92 14.03 -14.70 13.02
C THR B 92 12.71 -15.02 13.71
N GLU B 93 12.45 -16.31 13.87
CA GLU B 93 11.21 -16.73 14.51
C GLU B 93 11.07 -16.15 15.92
N GLU B 94 12.15 -16.17 16.70
CA GLU B 94 12.08 -15.65 18.07
C GLU B 94 11.72 -14.17 18.08
N GLU B 95 12.23 -13.41 17.11
CA GLU B 95 12.01 -11.97 17.09
C GLU B 95 10.66 -11.60 16.49
N PHE B 96 10.15 -12.40 15.56
CA PHE B 96 8.97 -12.06 14.77
C PHE B 96 7.72 -12.45 15.56
N VAL B 97 7.39 -11.66 16.56
CA VAL B 97 6.23 -11.93 17.39
C VAL B 97 4.97 -11.33 16.78
N GLU B 98 3.79 -11.74 17.28
CA GLU B 98 2.53 -11.18 16.82
C GLU B 98 2.56 -9.66 16.96
N GLY B 99 1.88 -8.98 16.05
CA GLY B 99 1.90 -7.54 16.02
C GLY B 99 1.55 -7.04 14.64
N ILE B 100 1.51 -5.73 14.50
CA ILE B 100 1.23 -5.10 13.21
C ILE B 100 2.55 -4.65 12.61
N TYR B 101 2.80 -5.03 11.37
CA TYR B 101 4.05 -4.75 10.69
C TYR B 101 3.78 -3.94 9.43
N LYS B 102 4.71 -3.06 9.10
CA LYS B 102 4.62 -2.29 7.86
C LYS B 102 5.89 -2.49 7.07
N VAL B 103 5.74 -2.92 5.82
CA VAL B 103 6.86 -3.00 4.88
C VAL B 103 6.74 -1.81 3.94
N GLU B 104 7.74 -0.95 3.94
CA GLU B 104 7.75 0.26 3.12
C GLU B 104 8.79 0.06 2.03
N ILE B 105 8.33 -0.08 0.80
CA ILE B 105 9.19 -0.44 -0.33
C ILE B 105 9.49 0.84 -1.12
N ASP B 106 10.77 1.16 -1.30
CA ASP B 106 11.14 2.40 -2.00
C ASP B 106 11.04 2.21 -3.52
N THR B 107 9.80 2.13 -4.00
CA THR B 107 9.56 1.97 -5.44
C THR B 107 9.99 3.22 -6.21
N LYS B 108 9.93 4.39 -5.56
CA LYS B 108 10.24 5.62 -6.30
C LYS B 108 11.70 5.64 -6.75
N SER B 109 12.63 5.27 -5.85
CA SER B 109 14.05 5.24 -6.23
C SER B 109 14.32 4.20 -7.32
N TYR B 110 13.61 3.08 -7.26
CA TYR B 110 13.75 2.04 -8.28
C TYR B 110 13.40 2.58 -9.67
N TRP B 111 12.24 3.22 -9.80
CA TRP B 111 11.84 3.76 -11.09
C TRP B 111 12.76 4.91 -11.51
N LYS B 112 13.15 5.76 -10.55
CA LYS B 112 14.04 6.86 -10.87
C LYS B 112 15.35 6.37 -11.45
N ALA B 113 15.90 5.27 -10.91
CA ALA B 113 17.17 4.74 -11.41
C ALA B 113 17.05 4.16 -12.80
N LEU B 114 15.84 3.81 -13.22
CA LEU B 114 15.58 3.34 -14.58
C LEU B 114 15.21 4.48 -15.51
N GLY B 115 15.19 5.72 -15.03
CA GLY B 115 14.82 6.85 -15.85
C GLY B 115 13.34 7.01 -16.07
N ILE B 116 12.50 6.51 -15.16
CA ILE B 116 11.06 6.50 -15.35
C ILE B 116 10.42 7.26 -14.19
N SER B 117 9.45 8.11 -14.51
CA SER B 117 8.77 8.91 -13.50
C SER B 117 7.61 8.10 -12.92
N PRO B 118 7.64 7.75 -11.61
CA PRO B 118 6.56 6.92 -11.06
C PRO B 118 5.50 7.74 -10.34
N PHE B 119 4.36 7.11 -10.07
CA PHE B 119 3.29 7.78 -9.36
C PHE B 119 3.52 7.79 -7.86
N HIS B 120 3.88 6.64 -7.29
CA HIS B 120 3.86 6.43 -5.85
C HIS B 120 5.16 6.89 -5.21
N GLU B 121 5.06 7.43 -3.99
CA GLU B 121 6.27 7.71 -3.22
C GLU B 121 6.93 6.41 -2.77
N HIS B 122 6.13 5.44 -2.37
CA HIS B 122 6.61 4.13 -2.02
C HIS B 122 5.41 3.19 -2.06
N ALA B 123 5.68 1.91 -1.91
CA ALA B 123 4.63 0.92 -1.73
C ALA B 123 4.65 0.48 -0.27
N GLU B 124 3.47 0.42 0.34
CA GLU B 124 3.35 -0.02 1.72
C GLU B 124 2.56 -1.32 1.77
N VAL B 125 3.00 -2.24 2.64
CA VAL B 125 2.25 -3.46 2.96
C VAL B 125 2.14 -3.52 4.48
N VAL B 126 0.92 -3.40 4.99
CA VAL B 126 0.66 -3.31 6.42
C VAL B 126 -0.22 -4.47 6.80
N PHE B 127 0.22 -5.29 7.76
CA PHE B 127 -0.49 -6.52 8.06
C PHE B 127 -0.25 -6.90 9.52
N THR B 128 -1.12 -7.76 10.04
CA THR B 128 -0.95 -8.37 11.35
C THR B 128 -0.35 -9.76 11.19
N ALA B 129 0.69 -10.04 11.96
CA ALA B 129 1.21 -11.39 12.07
C ALA B 129 0.50 -12.08 13.23
N ASN B 130 -0.12 -13.23 12.95
CA ASN B 130 -0.89 -13.95 13.95
C ASN B 130 -0.44 -15.41 14.02
N ASP B 131 -0.20 -15.90 15.23
CA ASP B 131 0.27 -17.26 15.44
C ASP B 131 -0.86 -18.26 15.21
N SER B 132 -0.78 -19.01 14.11
CA SER B 132 -1.77 -20.04 13.78
C SER B 132 -0.99 -21.14 13.07
N GLY B 133 -0.51 -22.11 13.84
CA GLY B 133 0.42 -23.09 13.34
C GLY B 133 1.72 -22.42 12.89
N PRO B 134 2.69 -23.22 12.46
CA PRO B 134 3.87 -22.62 11.81
C PRO B 134 3.45 -21.84 10.58
N ARG B 135 3.88 -20.58 10.51
CA ARG B 135 3.46 -19.67 9.45
C ARG B 135 4.66 -18.90 8.93
N ARG B 136 5.05 -19.19 7.69
CA ARG B 136 6.00 -18.38 6.94
C ARG B 136 5.20 -17.39 6.11
N TYR B 137 5.68 -16.15 6.06
CA TYR B 137 5.02 -15.08 5.31
C TYR B 137 5.88 -14.75 4.10
N THR B 138 5.30 -14.82 2.91
CA THR B 138 5.93 -14.28 1.71
C THR B 138 5.07 -13.12 1.22
N ILE B 139 5.68 -11.95 1.15
CA ILE B 139 5.02 -10.74 0.64
C ILE B 139 5.53 -10.54 -0.78
N ALA B 140 4.64 -10.55 -1.76
CA ALA B 140 5.05 -10.28 -3.13
C ALA B 140 4.45 -8.96 -3.58
N ALA B 141 5.24 -8.19 -4.32
CA ALA B 141 4.81 -6.91 -4.87
C ALA B 141 5.18 -6.89 -6.34
N LEU B 142 4.23 -6.48 -7.19
CA LEU B 142 4.44 -6.38 -8.64
C LEU B 142 4.32 -4.90 -9.00
N LEU B 143 5.39 -4.33 -9.55
CA LEU B 143 5.51 -2.89 -9.71
C LEU B 143 5.30 -2.47 -11.16
N SER B 144 4.51 -1.41 -11.35
CA SER B 144 4.39 -0.66 -12.58
C SER B 144 4.50 0.81 -12.21
N PRO B 145 4.77 1.69 -13.17
CA PRO B 145 4.96 3.11 -12.82
C PRO B 145 3.77 3.76 -12.14
N TYR B 146 2.53 3.41 -12.53
CA TYR B 146 1.34 3.99 -11.93
C TYR B 146 0.49 2.97 -11.18
N SER B 147 1.05 1.80 -10.88
CA SER B 147 0.24 0.78 -10.25
C SER B 147 1.14 -0.15 -9.45
N TYR B 148 0.58 -0.78 -8.42
CA TYR B 148 1.24 -1.93 -7.84
C TYR B 148 0.20 -2.90 -7.28
N SER B 149 0.57 -4.17 -7.28
CA SER B 149 -0.24 -5.24 -6.71
C SER B 149 0.61 -5.91 -5.64
N THR B 150 -0.03 -6.34 -4.58
CA THR B 150 0.70 -7.07 -3.56
C THR B 150 -0.16 -8.23 -3.07
N THR B 151 0.49 -9.35 -2.81
CA THR B 151 -0.25 -10.48 -2.25
C THR B 151 0.61 -11.10 -1.16
N ALA B 152 -0.05 -11.88 -0.33
CA ALA B 152 0.63 -12.58 0.75
C ALA B 152 0.37 -14.06 0.57
N VAL B 153 1.42 -14.85 0.75
CA VAL B 153 1.34 -16.30 0.78
C VAL B 153 1.80 -16.71 2.17
N VAL B 154 0.91 -17.32 2.93
CA VAL B 154 1.16 -17.71 4.32
C VAL B 154 1.10 -19.23 4.37
N THR B 155 2.24 -19.86 4.56
CA THR B 155 2.36 -21.31 4.46
C THR B 155 2.87 -21.90 5.76
N ASN B 156 2.82 -23.23 5.85
CA ASN B 156 3.16 -23.94 7.07
C ASN B 156 4.50 -24.67 6.97
#